data_4JB3
#
_entry.id   4JB3
#
_cell.length_a   49.580
_cell.length_b   91.190
_cell.length_c   46.270
_cell.angle_alpha   90.000
_cell.angle_beta   104.220
_cell.angle_gamma   90.000
#
_symmetry.space_group_name_H-M   'C 1 2 1'
#
loop_
_entity.id
_entity.type
_entity.pdbx_description
1 polymer 'Haloacid dehalogenase-like hydrolase'
2 non-polymer 'SODIUM ION'
3 non-polymer GLYCEROL
4 water water
#
_entity_poly.entity_id   1
_entity_poly.type   'polypeptide(L)'
_entity_poly.pdbx_seq_one_letter_code
;MHHHHHHSSGVDLGTENLYFQSMIKNIVFDFGGVIVDIDRDKAVQAFIKLGLADADTRLDKYHQTGIFQELEEGKLSADE
FRKQLGDLCGRELTMEETKQAWLGFFNEVDLRKLDYILGLRKSYHVYLLSNTNPFVMSWACSPEFSSEGKPLNDYCDKLY
LSYQLGHTKPAPEIFDFMIKDSHVIPSETLFVDDGSSNIHIGKELGFETFQPENGADWRQELTVILNS
;
_entity_poly.pdbx_strand_id   A
#
loop_
_chem_comp.id
_chem_comp.type
_chem_comp.name
_chem_comp.formula
GOL non-polymer GLYCEROL 'C3 H8 O3'
NA non-polymer 'SODIUM ION' 'Na 1'
#
# COMPACT_ATOMS: atom_id res chain seq x y z
N VAL A 11 -26.94 3.69 -0.99
CA VAL A 11 -26.90 3.04 -2.30
C VAL A 11 -26.19 1.70 -2.23
N ASP A 12 -26.38 0.90 -3.27
CA ASP A 12 -25.84 -0.44 -3.28
C ASP A 12 -24.62 -0.56 -4.18
N LEU A 13 -23.48 -0.80 -3.57
CA LEU A 13 -22.20 -0.70 -4.26
C LEU A 13 -21.69 -2.04 -4.76
N GLY A 14 -22.59 -3.00 -4.86
CA GLY A 14 -22.26 -4.25 -5.48
C GLY A 14 -21.95 -4.01 -6.95
N THR A 15 -20.93 -4.71 -7.46
CA THR A 15 -20.47 -4.56 -8.84
C THR A 15 -21.57 -4.70 -9.93
N GLU A 16 -22.45 -5.68 -9.78
CA GLU A 16 -23.51 -5.90 -10.78
C GLU A 16 -24.50 -4.73 -10.87
N ASN A 17 -24.53 -3.87 -9.84
CA ASN A 17 -25.35 -2.66 -9.89
C ASN A 17 -24.59 -1.50 -10.51
N LEU A 18 -23.29 -1.71 -10.72
CA LEU A 18 -22.43 -0.57 -11.03
C LEU A 18 -22.19 -0.44 -12.52
N TYR A 19 -22.03 0.80 -12.95
CA TYR A 19 -21.75 1.08 -14.35
C TYR A 19 -20.53 1.97 -14.47
N PHE A 20 -19.69 1.68 -15.45
CA PHE A 20 -18.44 2.40 -15.63
C PHE A 20 -18.29 2.93 -17.05
N GLN A 21 -18.10 4.23 -17.18
CA GLN A 21 -17.81 4.83 -18.49
C GLN A 21 -17.09 6.17 -18.39
N SER A 22 -15.82 6.17 -18.77
CA SER A 22 -15.01 7.39 -18.85
C SER A 22 -13.75 7.10 -19.65
N MET A 23 -12.80 8.03 -19.63
CA MET A 23 -11.54 7.85 -20.35
C MET A 23 -10.50 7.07 -19.54
N ILE A 24 -10.82 6.76 -18.29
CA ILE A 24 -9.90 6.00 -17.44
C ILE A 24 -9.86 4.53 -17.88
N LYS A 25 -8.66 4.00 -18.08
CA LYS A 25 -8.49 2.60 -18.46
C LYS A 25 -7.77 1.78 -17.40
N ASN A 26 -7.04 2.46 -16.52
CA ASN A 26 -6.19 1.80 -15.53
C ASN A 26 -6.40 2.42 -14.17
N ILE A 27 -6.27 1.61 -13.12
CA ILE A 27 -6.39 2.12 -11.75
C ILE A 27 -5.20 1.61 -10.96
N VAL A 28 -4.51 2.52 -10.28
CA VAL A 28 -3.33 2.19 -9.48
C VAL A 28 -3.68 2.49 -8.03
N PHE A 29 -3.65 1.46 -7.18
CA PHE A 29 -3.95 1.61 -5.76
C PHE A 29 -2.69 1.53 -4.90
N ASP A 30 -2.66 2.31 -3.82
CA ASP A 30 -1.75 2.06 -2.72
C ASP A 30 -2.33 0.90 -1.88
N PHE A 31 -1.50 0.31 -1.03
CA PHE A 31 -1.94 -0.77 -0.14
C PHE A 31 -2.40 -0.15 1.19
N GLY A 32 -1.46 0.17 2.08
CA GLY A 32 -1.82 0.77 3.36
C GLY A 32 -2.47 2.13 3.19
N GLY A 33 -3.57 2.35 3.89
CA GLY A 33 -4.29 3.61 3.82
C GLY A 33 -5.39 3.61 2.78
N VAL A 34 -5.39 2.63 1.90
CA VAL A 34 -6.36 2.54 0.81
C VAL A 34 -7.08 1.19 0.82
N ILE A 35 -6.33 0.12 0.54
CA ILE A 35 -6.93 -1.21 0.57
C ILE A 35 -7.10 -1.71 2.00
N VAL A 36 -6.10 -1.44 2.85
N VAL A 36 -6.09 -1.46 2.84
CA VAL A 36 -6.16 -1.81 4.25
CA VAL A 36 -6.13 -1.84 4.25
C VAL A 36 -5.91 -0.57 5.10
C VAL A 36 -5.88 -0.59 5.11
N ASP A 37 -6.64 -0.45 6.21
CA ASP A 37 -6.45 0.68 7.12
C ASP A 37 -5.08 0.66 7.78
N ILE A 38 -4.47 1.83 7.91
CA ILE A 38 -3.26 2.01 8.72
C ILE A 38 -3.64 2.60 10.06
N ASP A 39 -3.05 2.09 11.15
CA ASP A 39 -3.18 2.70 12.47
C ASP A 39 -1.78 2.91 13.00
N ARG A 40 -1.26 4.12 12.85
CA ARG A 40 0.12 4.41 13.26
C ARG A 40 0.31 4.25 14.76
N ASP A 41 -0.71 4.60 15.55
CA ASP A 41 -0.60 4.46 17.00
C ASP A 41 -0.46 2.98 17.39
N LYS A 42 -1.17 2.11 16.68
CA LYS A 42 -1.06 0.68 16.95
C LYS A 42 0.32 0.18 16.55
N ALA A 43 0.86 0.70 15.45
CA ALA A 43 2.23 0.36 15.03
C ALA A 43 3.25 0.81 16.07
N VAL A 44 3.10 2.03 16.57
CA VAL A 44 4.00 2.55 17.59
C VAL A 44 3.97 1.64 18.82
N GLN A 45 2.79 1.26 19.26
CA GLN A 45 2.66 0.32 20.39
C GLN A 45 3.34 -1.01 20.11
N ALA A 46 3.18 -1.53 18.88
CA ALA A 46 3.74 -2.84 18.52
C ALA A 46 5.26 -2.79 18.54
N PHE A 47 5.83 -1.69 18.05
CA PHE A 47 7.29 -1.57 18.07
C PHE A 47 7.85 -1.27 19.46
N ILE A 48 7.12 -0.50 20.27
CA ILE A 48 7.53 -0.29 21.66
C ILE A 48 7.64 -1.63 22.39
N LYS A 49 6.71 -2.55 22.09
CA LYS A 49 6.70 -3.88 22.69
C LYS A 49 8.02 -4.63 22.45
N LEU A 50 8.65 -4.38 21.30
CA LEU A 50 9.94 -4.99 20.98
C LEU A 50 11.11 -4.35 21.71
N GLY A 51 10.91 -3.17 22.27
CA GLY A 51 11.98 -2.43 22.88
C GLY A 51 12.27 -1.10 22.23
N LEU A 52 11.57 -0.78 21.16
CA LEU A 52 11.82 0.50 20.48
C LEU A 52 11.06 1.59 21.20
N ALA A 53 11.60 2.04 22.33
CA ALA A 53 10.88 2.94 23.21
C ALA A 53 10.55 4.28 22.57
N ASP A 54 11.33 4.69 21.57
CA ASP A 54 11.08 5.97 20.92
C ASP A 54 10.39 5.83 19.57
N ALA A 55 9.66 4.73 19.40
CA ALA A 55 8.97 4.45 18.14
C ALA A 55 8.05 5.58 17.67
N ASP A 56 7.47 6.33 18.60
CA ASP A 56 6.53 7.38 18.23
C ASP A 56 7.18 8.46 17.36
N THR A 57 8.48 8.67 17.57
N THR A 57 8.48 8.67 17.51
CA THR A 57 9.25 9.65 16.80
CA THR A 57 9.16 9.67 16.70
C THR A 57 9.78 9.06 15.49
C THR A 57 9.82 9.06 15.47
N ARG A 58 9.90 7.73 15.42
CA ARG A 58 10.46 7.06 14.26
C ARG A 58 9.46 6.74 13.15
N LEU A 59 8.29 6.22 13.52
CA LEU A 59 7.37 5.67 12.53
C LEU A 59 6.53 6.73 11.81
N ASP A 60 6.30 6.53 10.52
CA ASP A 60 5.51 7.46 9.71
C ASP A 60 4.35 6.75 9.03
N LYS A 61 3.34 7.52 8.62
CA LYS A 61 2.17 6.96 7.95
C LYS A 61 2.40 6.81 6.45
N TYR A 62 3.37 7.55 5.90
CA TYR A 62 3.47 7.71 4.45
C TYR A 62 4.85 7.42 3.87
N HIS A 63 5.89 7.77 4.62
CA HIS A 63 7.26 7.68 4.14
C HIS A 63 8.19 7.45 5.32
N GLN A 64 8.71 6.23 5.45
CA GLN A 64 9.62 5.92 6.55
C GLN A 64 10.98 6.57 6.34
N THR A 65 11.74 6.67 7.43
CA THR A 65 13.10 7.17 7.38
C THR A 65 14.04 6.20 8.08
N GLY A 66 15.33 6.49 8.07
CA GLY A 66 16.30 5.63 8.73
C GLY A 66 16.29 4.20 8.21
N ILE A 67 16.47 3.24 9.11
CA ILE A 67 16.51 1.84 8.70
C ILE A 67 15.15 1.36 8.19
N PHE A 68 14.09 2.02 8.62
CA PHE A 68 12.75 1.70 8.12
C PHE A 68 12.63 2.04 6.64
N GLN A 69 13.14 3.21 6.26
CA GLN A 69 13.22 3.57 4.84
C GLN A 69 14.11 2.61 4.07
N GLU A 70 15.28 2.29 4.65
CA GLU A 70 16.21 1.39 3.98
C GLU A 70 15.56 0.04 3.69
N LEU A 71 14.77 -0.47 4.64
CA LEU A 71 14.04 -1.71 4.42
C LEU A 71 13.03 -1.55 3.29
N GLU A 72 12.29 -0.45 3.30
CA GLU A 72 11.25 -0.27 2.29
C GLU A 72 11.81 0.08 0.91
N GLU A 73 13.09 0.39 0.83
CA GLU A 73 13.75 0.62 -0.46
C GLU A 73 14.61 -0.57 -0.91
N GLY A 74 14.63 -1.62 -0.09
CA GLY A 74 15.40 -2.81 -0.43
C GLY A 74 16.89 -2.66 -0.17
N LYS A 75 17.29 -1.59 0.51
CA LYS A 75 18.70 -1.35 0.79
C LYS A 75 19.15 -2.16 1.99
N LEU A 76 18.20 -2.51 2.84
CA LEU A 76 18.40 -3.51 3.88
C LEU A 76 17.46 -4.67 3.58
N SER A 77 17.97 -5.90 3.69
CA SER A 77 17.10 -7.07 3.62
C SER A 77 16.28 -7.18 4.89
N ALA A 78 15.28 -8.05 4.89
CA ALA A 78 14.48 -8.26 6.09
C ALA A 78 15.37 -8.65 7.27
N ASP A 79 16.32 -9.55 7.03
CA ASP A 79 17.22 -10.02 8.07
C ASP A 79 18.13 -8.89 8.58
N GLU A 80 18.66 -8.10 7.65
CA GLU A 80 19.53 -6.98 8.03
C GLU A 80 18.77 -5.95 8.86
N PHE A 81 17.53 -5.68 8.46
CA PHE A 81 16.69 -4.78 9.23
C PHE A 81 16.44 -5.33 10.62
N ARG A 82 16.10 -6.61 10.70
CA ARG A 82 15.88 -7.29 11.97
C ARG A 82 17.08 -7.12 12.90
N LYS A 83 18.27 -7.33 12.36
CA LYS A 83 19.50 -7.16 13.11
C LYS A 83 19.66 -5.72 13.61
N GLN A 84 19.53 -4.76 12.72
CA GLN A 84 19.75 -3.36 13.11
C GLN A 84 18.65 -2.82 14.04
N LEU A 85 17.41 -3.27 13.85
CA LEU A 85 16.33 -2.92 14.78
C LEU A 85 16.63 -3.50 16.16
N GLY A 86 17.09 -4.76 16.20
CA GLY A 86 17.47 -5.38 17.45
C GLY A 86 18.56 -4.62 18.18
N ASP A 87 19.53 -4.10 17.42
CA ASP A 87 20.61 -3.33 18.04
C ASP A 87 20.06 -2.06 18.68
N LEU A 88 19.08 -1.43 18.03
CA LEU A 88 18.39 -0.28 18.62
C LEU A 88 17.65 -0.66 19.89
N CYS A 89 17.03 -1.84 19.88
CA CYS A 89 16.18 -2.29 20.99
C CYS A 89 17.02 -2.86 22.12
N GLY A 90 18.29 -3.15 21.83
CA GLY A 90 19.17 -3.73 22.82
C GLY A 90 18.92 -5.22 23.02
N ARG A 91 18.29 -5.86 22.06
CA ARG A 91 18.14 -7.32 22.11
C ARG A 91 17.93 -7.96 20.75
N GLU A 92 18.29 -9.24 20.65
CA GLU A 92 18.16 -10.00 19.42
C GLU A 92 16.70 -10.33 19.16
N LEU A 93 16.20 -9.94 17.99
CA LEU A 93 14.81 -10.18 17.65
C LEU A 93 14.71 -11.37 16.72
N THR A 94 13.60 -12.11 16.80
CA THR A 94 13.31 -13.12 15.79
C THR A 94 12.60 -12.48 14.61
N MET A 95 12.60 -13.18 13.48
CA MET A 95 11.87 -12.68 12.33
C MET A 95 10.38 -12.58 12.63
N GLU A 96 9.85 -13.53 13.38
CA GLU A 96 8.41 -13.55 13.62
C GLU A 96 7.96 -12.37 14.48
N GLU A 97 8.73 -12.01 15.50
CA GLU A 97 8.28 -10.89 16.30
C GLU A 97 8.46 -9.57 15.56
N THR A 98 9.44 -9.53 14.65
CA THR A 98 9.63 -8.34 13.83
C THR A 98 8.47 -8.20 12.84
N LYS A 99 8.07 -9.32 12.24
CA LYS A 99 6.90 -9.34 11.36
C LYS A 99 5.66 -8.89 12.12
N GLN A 100 5.46 -9.42 13.32
CA GLN A 100 4.26 -9.06 14.08
C GLN A 100 4.22 -7.57 14.41
N ALA A 101 5.39 -6.97 14.65
CA ALA A 101 5.42 -5.53 14.88
C ALA A 101 4.98 -4.76 13.63
N TRP A 102 5.51 -5.14 12.48
CA TRP A 102 5.06 -4.54 11.22
C TRP A 102 3.56 -4.67 10.98
N LEU A 103 3.00 -5.84 11.32
CA LEU A 103 1.57 -6.05 11.11
C LEU A 103 0.73 -5.19 12.06
N GLY A 104 1.38 -4.63 13.07
CA GLY A 104 0.74 -3.69 13.97
C GLY A 104 0.24 -2.44 13.27
N PHE A 105 0.79 -2.16 12.08
CA PHE A 105 0.33 -1.01 11.30
C PHE A 105 -1.09 -1.19 10.77
N PHE A 106 -1.55 -2.43 10.69
CA PHE A 106 -2.76 -2.73 9.90
C PHE A 106 -3.94 -3.22 10.69
N ASN A 107 -5.13 -2.83 10.26
CA ASN A 107 -6.38 -3.43 10.76
C ASN A 107 -6.74 -4.55 9.78
N GLU A 108 -7.62 -5.45 10.17
CA GLU A 108 -8.08 -6.47 9.22
C GLU A 108 -8.75 -5.79 8.04
N VAL A 109 -8.63 -6.38 6.85
CA VAL A 109 -9.13 -5.73 5.64
C VAL A 109 -10.65 -5.71 5.61
N ASP A 110 -11.21 -4.60 5.11
CA ASP A 110 -12.64 -4.51 4.82
C ASP A 110 -12.89 -5.28 3.54
N LEU A 111 -13.55 -6.41 3.66
CA LEU A 111 -13.82 -7.26 2.51
C LEU A 111 -14.70 -6.56 1.46
N ARG A 112 -15.43 -5.51 1.85
CA ARG A 112 -16.17 -4.75 0.84
C ARG A 112 -15.22 -4.15 -0.18
N LYS A 113 -14.05 -3.72 0.27
CA LYS A 113 -13.09 -3.09 -0.64
C LYS A 113 -12.48 -4.12 -1.57
N LEU A 114 -12.15 -5.29 -1.04
CA LEU A 114 -11.60 -6.36 -1.87
C LEU A 114 -12.60 -6.80 -2.92
N ASP A 115 -13.87 -6.96 -2.53
CA ASP A 115 -14.89 -7.36 -3.50
C ASP A 115 -15.07 -6.30 -4.58
N TYR A 116 -15.02 -5.04 -4.19
CA TYR A 116 -15.17 -3.94 -5.15
C TYR A 116 -14.02 -3.99 -6.17
N ILE A 117 -12.80 -4.21 -5.68
CA ILE A 117 -11.64 -4.26 -6.56
C ILE A 117 -11.71 -5.44 -7.53
N LEU A 118 -12.17 -6.60 -7.07
CA LEU A 118 -12.37 -7.72 -7.99
C LEU A 118 -13.32 -7.34 -9.12
N GLY A 119 -14.35 -6.56 -8.78
CA GLY A 119 -15.31 -6.11 -9.77
C GLY A 119 -14.69 -5.16 -10.78
N LEU A 120 -13.77 -4.32 -10.31
CA LEU A 120 -13.06 -3.42 -11.20
C LEU A 120 -12.28 -4.13 -12.30
N ARG A 121 -11.78 -5.33 -12.00
CA ARG A 121 -10.89 -6.01 -12.93
C ARG A 121 -11.58 -6.42 -14.22
N LYS A 122 -12.91 -6.46 -14.20
CA LYS A 122 -13.66 -6.78 -15.41
C LYS A 122 -13.58 -5.63 -16.41
N SER A 123 -13.33 -4.42 -15.91
CA SER A 123 -13.40 -3.22 -16.73
C SER A 123 -12.09 -2.44 -16.81
N TYR A 124 -11.17 -2.70 -15.89
CA TYR A 124 -9.93 -1.92 -15.79
C TYR A 124 -8.71 -2.80 -15.60
N HIS A 125 -7.56 -2.30 -16.05
CA HIS A 125 -6.28 -2.83 -15.60
C HIS A 125 -6.02 -2.24 -14.21
N VAL A 126 -5.71 -3.11 -13.26
CA VAL A 126 -5.53 -2.69 -11.89
C VAL A 126 -4.12 -3.01 -11.44
N TYR A 127 -3.46 -2.02 -10.85
CA TYR A 127 -2.10 -2.20 -10.37
C TYR A 127 -1.96 -1.73 -8.94
N LEU A 128 -0.98 -2.27 -8.24
CA LEU A 128 -0.63 -1.76 -6.92
C LEU A 128 0.69 -1.01 -7.04
N LEU A 129 0.79 0.13 -6.35
CA LEU A 129 2.06 0.84 -6.26
C LEU A 129 2.19 1.27 -4.81
N SER A 130 3.11 0.66 -4.08
CA SER A 130 3.12 0.84 -2.64
C SER A 130 4.48 0.82 -2.00
N ASN A 131 4.64 1.67 -0.99
CA ASN A 131 5.73 1.55 -0.05
C ASN A 131 5.46 0.41 0.90
N THR A 132 6.30 -0.60 0.84
CA THR A 132 6.07 -1.77 1.67
C THR A 132 7.38 -2.53 1.86
N ASN A 133 7.27 -3.73 2.43
CA ASN A 133 8.45 -4.48 2.81
C ASN A 133 8.12 -5.97 2.86
N PRO A 134 9.13 -6.83 2.89
CA PRO A 134 8.91 -8.27 2.87
C PRO A 134 8.10 -8.79 4.06
N PHE A 135 8.17 -8.14 5.20
CA PHE A 135 7.40 -8.62 6.35
C PHE A 135 5.91 -8.51 6.06
N VAL A 136 5.51 -7.32 5.63
CA VAL A 136 4.10 -7.08 5.32
C VAL A 136 3.63 -7.94 4.15
N MET A 137 4.44 -8.02 3.10
CA MET A 137 4.05 -8.78 1.93
C MET A 137 4.01 -10.30 2.13
N SER A 138 4.77 -10.82 3.10
CA SER A 138 4.68 -12.24 3.37
C SER A 138 3.27 -12.61 3.86
N TRP A 139 2.60 -11.66 4.51
CA TRP A 139 1.21 -11.80 4.89
C TRP A 139 0.25 -11.49 3.72
N ALA A 140 0.40 -10.30 3.13
CA ALA A 140 -0.57 -9.85 2.13
C ALA A 140 -0.57 -10.74 0.89
N CYS A 141 0.61 -11.17 0.47
CA CYS A 141 0.73 -12.00 -0.73
C CYS A 141 0.67 -13.48 -0.40
N SER A 142 -0.34 -13.85 0.39
CA SER A 142 -0.53 -15.22 0.82
C SER A 142 -2.01 -15.43 1.06
N PRO A 143 -2.44 -16.69 1.18
CA PRO A 143 -3.86 -16.91 1.50
C PRO A 143 -4.27 -16.37 2.88
N GLU A 144 -3.30 -15.98 3.71
CA GLU A 144 -3.63 -15.43 5.03
C GLU A 144 -4.03 -13.95 5.00
N PHE A 145 -4.02 -13.36 3.81
CA PHE A 145 -4.37 -11.95 3.65
C PHE A 145 -5.72 -11.62 4.27
N SER A 146 -6.70 -12.48 4.02
CA SER A 146 -8.06 -12.28 4.54
C SER A 146 -8.81 -13.59 4.65
N SER A 147 -10.01 -13.54 5.22
CA SER A 147 -10.83 -14.74 5.37
C SER A 147 -11.32 -15.31 4.05
N GLU A 148 -11.22 -14.52 2.98
CA GLU A 148 -11.57 -15.00 1.64
C GLU A 148 -10.49 -15.90 1.06
N GLY A 149 -9.29 -15.85 1.65
CA GLY A 149 -8.24 -16.80 1.33
C GLY A 149 -7.51 -16.54 0.03
N LYS A 150 -7.65 -15.32 -0.49
CA LYS A 150 -6.99 -14.96 -1.73
C LYS A 150 -5.86 -13.99 -1.43
N PRO A 151 -4.68 -14.23 -2.02
CA PRO A 151 -3.57 -13.29 -1.82
C PRO A 151 -3.83 -11.96 -2.51
N LEU A 152 -3.09 -10.92 -2.09
CA LEU A 152 -3.19 -9.61 -2.69
C LEU A 152 -2.99 -9.66 -4.21
N ASN A 153 -2.15 -10.59 -4.66
CA ASN A 153 -1.90 -10.82 -6.09
C ASN A 153 -3.15 -11.05 -6.91
N ASP A 154 -4.17 -11.63 -6.31
CA ASP A 154 -5.41 -11.97 -7.02
C ASP A 154 -6.23 -10.73 -7.36
N TYR A 155 -5.88 -9.61 -6.74
CA TYR A 155 -6.66 -8.39 -6.90
C TYR A 155 -6.09 -7.38 -7.88
N CYS A 156 -4.99 -7.72 -8.52
N CYS A 156 -4.92 -7.70 -8.44
CA CYS A 156 -4.42 -6.80 -9.48
CA CYS A 156 -4.19 -6.81 -9.34
C CYS A 156 -3.64 -7.53 -10.54
C CYS A 156 -3.59 -7.54 -10.53
N ASP A 157 -3.30 -6.80 -11.59
CA ASP A 157 -2.56 -7.36 -12.71
C ASP A 157 -1.08 -7.47 -12.37
N LYS A 158 -0.56 -6.49 -11.65
CA LYS A 158 0.83 -6.51 -11.20
C LYS A 158 1.02 -5.64 -9.96
N LEU A 159 1.93 -6.07 -9.08
CA LEU A 159 2.32 -5.33 -7.89
C LEU A 159 3.65 -4.61 -8.11
N TYR A 160 3.69 -3.32 -7.87
CA TYR A 160 4.92 -2.55 -7.88
C TYR A 160 5.25 -2.18 -6.45
N LEU A 161 6.30 -2.83 -5.93
CA LEU A 161 6.62 -2.78 -4.50
C LEU A 161 7.93 -2.03 -4.30
N SER A 162 7.90 -1.02 -3.44
CA SER A 162 9.07 -0.16 -3.22
C SER A 162 10.36 -0.94 -2.97
N TYR A 163 10.29 -1.97 -2.14
CA TYR A 163 11.52 -2.66 -1.72
C TYR A 163 12.16 -3.47 -2.84
N GLN A 164 11.40 -3.74 -3.89
CA GLN A 164 11.95 -4.44 -5.04
C GLN A 164 12.44 -3.48 -6.10
N LEU A 165 12.08 -2.20 -5.97
CA LEU A 165 12.37 -1.21 -6.99
C LEU A 165 13.45 -0.19 -6.59
N GLY A 166 13.78 -0.13 -5.31
CA GLY A 166 14.89 0.71 -4.87
C GLY A 166 14.53 2.15 -4.51
N HIS A 167 13.24 2.47 -4.49
CA HIS A 167 12.78 3.82 -4.20
C HIS A 167 11.47 3.73 -3.47
N THR A 168 11.18 4.71 -2.62
CA THR A 168 9.85 4.85 -2.00
C THR A 168 9.14 6.09 -2.50
N LYS A 169 7.82 5.99 -2.67
CA LYS A 169 7.00 7.18 -2.92
C LYS A 169 7.28 8.15 -1.78
N PRO A 170 7.34 9.46 -2.07
CA PRO A 170 6.94 10.10 -3.33
C PRO A 170 8.07 10.30 -4.34
N ALA A 171 9.11 9.47 -4.30
CA ALA A 171 10.17 9.60 -5.30
C ALA A 171 9.61 9.41 -6.70
N PRO A 172 9.89 10.36 -7.61
CA PRO A 172 9.35 10.23 -8.97
C PRO A 172 9.82 8.94 -9.63
N GLU A 173 10.98 8.43 -9.22
CA GLU A 173 11.57 7.24 -9.86
C GLU A 173 10.68 6.00 -9.77
N ILE A 174 9.94 5.84 -8.67
CA ILE A 174 9.12 4.64 -8.53
C ILE A 174 7.92 4.72 -9.49
N PHE A 175 7.37 5.92 -9.64
CA PHE A 175 6.29 6.14 -10.59
C PHE A 175 6.78 5.91 -12.02
N ASP A 176 7.98 6.41 -12.30
CA ASP A 176 8.57 6.24 -13.62
C ASP A 176 8.77 4.77 -13.99
N PHE A 177 9.25 3.97 -13.05
CA PHE A 177 9.42 2.55 -13.32
C PHE A 177 8.09 1.93 -13.67
N MET A 178 7.08 2.24 -12.85
N MET A 178 7.08 2.24 -12.86
CA MET A 178 5.74 1.69 -13.03
CA MET A 178 5.76 1.65 -13.05
C MET A 178 5.17 2.05 -14.39
C MET A 178 5.18 2.04 -14.40
N ILE A 179 5.32 3.31 -14.77
CA ILE A 179 4.79 3.79 -16.04
C ILE A 179 5.47 3.09 -17.21
N LYS A 180 6.78 2.96 -17.13
CA LYS A 180 7.54 2.35 -18.22
C LYS A 180 7.29 0.85 -18.33
N ASP A 181 7.13 0.18 -17.18
CA ASP A 181 6.94 -1.26 -17.18
C ASP A 181 5.54 -1.65 -17.62
N SER A 182 4.55 -0.86 -17.19
CA SER A 182 3.14 -1.19 -17.40
C SER A 182 2.62 -0.67 -18.72
N HIS A 183 3.31 0.33 -19.26
CA HIS A 183 2.88 1.07 -20.46
C HIS A 183 1.57 1.85 -20.28
N VAL A 184 1.16 2.15 -19.06
CA VAL A 184 -0.04 2.97 -18.91
C VAL A 184 0.21 4.39 -19.40
N ILE A 185 -0.86 5.02 -19.91
CA ILE A 185 -0.83 6.44 -20.17
C ILE A 185 -1.33 7.10 -18.90
N PRO A 186 -0.50 7.95 -18.28
CA PRO A 186 -0.93 8.54 -17.00
C PRO A 186 -2.30 9.23 -17.04
N SER A 187 -2.63 9.94 -18.12
CA SER A 187 -3.92 10.67 -18.15
C SER A 187 -5.12 9.74 -18.22
N GLU A 188 -4.88 8.47 -18.57
CA GLU A 188 -5.93 7.46 -18.62
C GLU A 188 -5.87 6.57 -17.39
N THR A 189 -5.16 7.01 -16.36
CA THR A 189 -4.93 6.20 -15.18
C THR A 189 -5.33 6.96 -13.93
N LEU A 190 -6.11 6.31 -13.07
CA LEU A 190 -6.49 6.90 -11.79
C LEU A 190 -5.59 6.34 -10.69
N PHE A 191 -4.89 7.25 -10.02
CA PHE A 191 -3.99 6.91 -8.94
C PHE A 191 -4.71 7.18 -7.62
N VAL A 192 -4.83 6.14 -6.80
CA VAL A 192 -5.59 6.19 -5.54
C VAL A 192 -4.65 6.00 -4.36
N ASP A 193 -4.45 7.04 -3.57
CA ASP A 193 -3.45 7.04 -2.51
C ASP A 193 -3.92 8.00 -1.44
N ASP A 194 -3.77 7.62 -0.17
CA ASP A 194 -4.20 8.50 0.91
C ASP A 194 -3.19 9.58 1.27
N GLY A 195 -1.98 9.47 0.72
CA GLY A 195 -0.90 10.39 1.08
C GLY A 195 -0.77 11.58 0.17
N SER A 196 -0.80 12.78 0.74
CA SER A 196 -0.77 14.02 -0.02
C SER A 196 0.44 14.16 -0.93
N SER A 197 1.63 13.91 -0.39
CA SER A 197 2.85 14.08 -1.18
C SER A 197 2.82 13.14 -2.38
N ASN A 198 2.31 11.93 -2.20
CA ASN A 198 2.24 10.97 -3.29
C ASN A 198 1.27 11.44 -4.36
N ILE A 199 0.11 11.96 -3.93
CA ILE A 199 -0.89 12.51 -4.84
C ILE A 199 -0.30 13.65 -5.67
N HIS A 200 0.46 14.54 -5.03
CA HIS A 200 1.02 15.67 -5.75
C HIS A 200 1.99 15.27 -6.85
N ILE A 201 2.86 14.31 -6.58
CA ILE A 201 3.76 13.86 -7.63
C ILE A 201 3.00 13.10 -8.71
N GLY A 202 1.99 12.31 -8.32
CA GLY A 202 1.15 11.64 -9.30
C GLY A 202 0.50 12.63 -10.25
N LYS A 203 -0.05 13.72 -9.70
CA LYS A 203 -0.67 14.76 -10.51
C LYS A 203 0.33 15.40 -11.45
N GLU A 204 1.53 15.68 -10.95
CA GLU A 204 2.60 16.29 -11.75
C GLU A 204 2.97 15.42 -12.96
N LEU A 205 2.94 14.10 -12.76
CA LEU A 205 3.28 13.15 -13.81
C LEU A 205 2.12 12.85 -14.75
N GLY A 206 0.96 13.44 -14.48
CA GLY A 206 -0.14 13.36 -15.43
C GLY A 206 -1.27 12.45 -15.05
N PHE A 207 -1.17 11.77 -13.91
CA PHE A 207 -2.24 10.90 -13.46
C PHE A 207 -3.48 11.67 -13.04
N GLU A 208 -4.64 11.09 -13.27
CA GLU A 208 -5.83 11.49 -12.54
C GLU A 208 -5.63 10.96 -11.12
N THR A 209 -6.09 11.71 -10.12
CA THR A 209 -5.87 11.28 -8.74
C THR A 209 -7.15 11.26 -7.90
N PHE A 210 -7.14 10.38 -6.91
CA PHE A 210 -8.20 10.30 -5.91
C PHE A 210 -7.50 10.03 -4.59
N GLN A 211 -7.74 10.90 -3.62
CA GLN A 211 -7.12 10.80 -2.29
C GLN A 211 -8.18 10.46 -1.22
N PRO A 212 -8.46 9.16 -1.05
CA PRO A 212 -9.40 8.79 0.01
C PRO A 212 -8.81 8.99 1.40
N GLU A 213 -9.69 9.03 2.39
CA GLU A 213 -9.29 9.06 3.79
C GLU A 213 -8.96 7.65 4.22
N ASN A 214 -7.83 7.49 4.90
CA ASN A 214 -7.48 6.23 5.54
C ASN A 214 -8.61 5.76 6.45
N GLY A 215 -9.13 4.56 6.19
CA GLY A 215 -10.15 3.97 7.03
C GLY A 215 -11.56 4.20 6.53
N ALA A 216 -11.70 5.09 5.57
CA ALA A 216 -13.02 5.43 5.05
C ALA A 216 -13.43 4.49 3.91
N ASP A 217 -14.74 4.33 3.74
CA ASP A 217 -15.27 3.53 2.65
C ASP A 217 -15.36 4.37 1.39
N TRP A 218 -14.40 4.19 0.51
CA TRP A 218 -14.29 5.00 -0.70
C TRP A 218 -15.04 4.47 -1.91
N ARG A 219 -15.81 3.40 -1.75
CA ARG A 219 -16.44 2.77 -2.92
C ARG A 219 -17.39 3.68 -3.70
N GLN A 220 -18.28 4.37 -2.99
CA GLN A 220 -19.20 5.29 -3.65
C GLN A 220 -18.47 6.37 -4.42
N GLU A 221 -17.51 7.03 -3.78
CA GLU A 221 -16.81 8.14 -4.41
C GLU A 221 -15.98 7.65 -5.59
N LEU A 222 -15.34 6.49 -5.44
CA LEU A 222 -14.61 5.90 -6.56
C LEU A 222 -15.52 5.65 -7.76
N THR A 223 -16.72 5.14 -7.51
CA THR A 223 -17.67 4.92 -8.59
C THR A 223 -18.03 6.23 -9.29
N VAL A 224 -18.24 7.29 -8.51
CA VAL A 224 -18.52 8.61 -9.07
C VAL A 224 -17.37 9.09 -9.95
N ILE A 225 -16.16 9.01 -9.44
CA ILE A 225 -14.99 9.46 -10.17
C ILE A 225 -14.81 8.69 -11.48
N LEU A 226 -15.01 7.37 -11.45
CA LEU A 226 -14.78 6.54 -12.65
C LEU A 226 -15.81 6.81 -13.73
N ASN A 227 -16.88 7.51 -13.37
CA ASN A 227 -17.91 7.87 -14.33
C ASN A 227 -17.89 9.35 -14.71
N SER A 228 -16.91 10.09 -14.21
CA SER A 228 -16.79 11.52 -14.50
C SER A 228 -16.00 11.79 -15.79
NA NA B . -0.85 4.86 1.99
C1 GOL C . 3.18 2.84 5.88
O1 GOL C . 2.71 3.71 4.88
C2 GOL C . 4.08 1.80 5.21
O2 GOL C . 5.37 2.35 5.04
C3 GOL C . 4.15 0.55 6.10
O3 GOL C . 4.69 -0.52 5.36
#